data_5G4M
#
_entry.id   5G4M
#
_cell.length_a   65.030
_cell.length_b   71.144
_cell.length_c   105.144
_cell.angle_alpha   90.00
_cell.angle_beta   90.00
_cell.angle_gamma   90.00
#
_symmetry.space_group_name_H-M   'P 21 21 21'
#
loop_
_entity.id
_entity.type
_entity.pdbx_description
1 polymer 'CELLULAR TUMOR ANTIGEN P53'
2 non-polymer 'ZINC ION'
3 non-polymer 1-[9-(2-fluoroethyl)-9H-carbazol-3-yl]-N-methylmethanamine
4 non-polymer GLYCEROL
5 non-polymer 1,2-ETHANEDIOL
6 water water
#
_entity_poly.entity_id   1
_entity_poly.type   'polypeptide(L)'
_entity_poly.pdbx_seq_one_letter_code
;SSSVPSQKTYQGSYGFRLGFLHSGTAKSVTCTYSPALNKLFCQLAKTCPVQLWVDSTPPPGTRVRAMAIYKQSQHMTEVV
RRCPHHERCSDSDGLAPPQHLIRVEGNLRAEYLDDRNTFRHSVVVPCEPPEVGSDCTTIHYNYMCYSSCMGGMNRRPILT
IITLEDSSGNLLGRDSFEVRVCACPGRDRRTEEENLRKKGEPHHELPPGSTKRALPNNT
;
_entity_poly.pdbx_strand_id   A,B
#
loop_
_chem_comp.id
_chem_comp.type
_chem_comp.name
_chem_comp.formula
EDO non-polymer 1,2-ETHANEDIOL 'C2 H6 O2'
GOL non-polymer GLYCEROL 'C3 H8 O3'
O82 non-polymer 1-[9-(2-fluoroethyl)-9H-carbazol-3-yl]-N-methylmethanamine 'C16 H17 F N2'
ZN non-polymer 'ZINC ION' 'Zn 2'
#
# COMPACT_ATOMS: atom_id res chain seq x y z
N SER A 3 5.43 9.17 -9.31
CA SER A 3 5.32 8.01 -10.18
C SER A 3 4.08 7.22 -9.77
N VAL A 4 3.87 7.13 -8.47
CA VAL A 4 2.70 6.46 -7.92
C VAL A 4 2.16 7.22 -6.69
N PRO A 5 0.92 7.69 -6.72
CA PRO A 5 0.38 8.43 -5.57
C PRO A 5 0.21 7.54 -4.35
N SER A 6 0.44 8.11 -3.18
CA SER A 6 0.25 7.38 -1.93
C SER A 6 -1.23 7.04 -1.71
N GLN A 7 -1.46 5.87 -1.12
CA GLN A 7 -2.81 5.46 -0.72
C GLN A 7 -2.92 5.27 0.78
N LYS A 8 -1.97 5.77 1.56
CA LYS A 8 -1.99 5.56 3.00
C LYS A 8 -3.10 6.38 3.64
N THR A 9 -3.95 5.71 4.42
CA THR A 9 -5.00 6.39 5.15
C THR A 9 -4.39 7.35 6.17
N TYR A 10 -4.88 8.58 6.19
CA TYR A 10 -4.30 9.62 7.03
C TYR A 10 -5.42 10.56 7.44
N GLN A 11 -5.82 10.51 8.71
CA GLN A 11 -6.90 11.38 9.14
C GLN A 11 -6.44 12.83 9.27
N GLY A 12 -5.18 13.05 9.64
CA GLY A 12 -4.67 14.41 9.76
C GLY A 12 -5.29 15.18 10.92
N SER A 13 -4.98 16.47 10.95
CA SER A 13 -5.35 17.32 12.08
C SER A 13 -6.86 17.49 12.21
N TYR A 14 -7.61 17.34 11.11
CA TYR A 14 -9.03 17.59 11.12
C TYR A 14 -9.86 16.32 11.25
N GLY A 15 -9.23 15.16 11.39
CA GLY A 15 -9.98 13.91 11.55
C GLY A 15 -10.75 13.52 10.31
N PHE A 16 -10.13 13.66 9.14
CA PHE A 16 -10.79 13.44 7.85
C PHE A 16 -10.99 11.95 7.58
N ARG A 17 -12.21 11.58 7.18
CA ARG A 17 -12.46 10.22 6.70
C ARG A 17 -13.74 10.22 5.86
N LEU A 18 -13.89 9.16 5.06
CA LEU A 18 -15.06 9.02 4.20
C LEU A 18 -16.19 8.28 4.92
N GLY A 19 -17.39 8.38 4.34
CA GLY A 19 -18.49 7.55 4.76
C GLY A 19 -19.33 7.16 3.55
N PHE A 20 -20.05 6.05 3.68
CA PHE A 20 -20.88 5.56 2.60
C PHE A 20 -22.26 5.20 3.11
N LEU A 21 -23.26 5.38 2.24
CA LEU A 21 -24.62 4.99 2.57
C LEU A 21 -24.73 3.47 2.67
N HIS A 22 -25.86 3.00 3.19
CA HIS A 22 -26.16 1.58 3.30
C HIS A 22 -27.27 1.27 2.30
N SER A 23 -26.88 0.95 1.07
CA SER A 23 -27.81 0.85 -0.04
C SER A 23 -28.32 -0.56 -0.31
N GLY A 24 -27.74 -1.58 0.34
CA GLY A 24 -28.17 -2.95 0.12
C GLY A 24 -27.65 -3.53 -1.19
N THR A 25 -28.12 -4.76 -1.48
CA THR A 25 -27.63 -5.52 -2.61
C THR A 25 -28.75 -6.03 -3.51
N ALA A 26 -29.92 -5.39 -3.51
CA ALA A 26 -30.98 -5.77 -4.42
C ALA A 26 -30.51 -5.63 -5.87
N LYS A 27 -31.10 -6.42 -6.75
CA LYS A 27 -30.73 -6.40 -8.15
C LYS A 27 -30.84 -5.02 -8.79
N SER A 28 -31.76 -4.20 -8.30
CA SER A 28 -32.00 -2.87 -8.85
C SER A 28 -31.04 -1.80 -8.34
N VAL A 29 -30.17 -2.12 -7.37
CA VAL A 29 -29.32 -1.08 -6.79
C VAL A 29 -28.30 -0.61 -7.81
N THR A 30 -28.02 0.70 -7.82
CA THR A 30 -27.12 1.29 -8.80
C THR A 30 -25.76 1.64 -8.22
N CYS A 31 -25.64 1.67 -6.89
CA CYS A 31 -24.39 2.00 -6.22
C CYS A 31 -24.50 1.39 -4.83
N THR A 32 -23.49 0.60 -4.45
CA THR A 32 -23.52 -0.01 -3.12
C THR A 32 -22.09 -0.21 -2.63
N TYR A 33 -21.88 0.01 -1.34
CA TYR A 33 -20.54 -0.03 -0.76
C TYR A 33 -20.41 -1.22 0.18
N SER A 34 -19.30 -1.96 0.07
CA SER A 34 -19.00 -3.09 0.93
C SER A 34 -17.96 -2.70 1.96
N PRO A 35 -18.31 -2.52 3.23
CA PRO A 35 -17.28 -2.27 4.25
C PRO A 35 -16.30 -3.43 4.38
N ALA A 36 -16.76 -4.67 4.23
CA ALA A 36 -15.86 -5.80 4.42
C ALA A 36 -14.77 -5.84 3.36
N LEU A 37 -15.08 -5.39 2.15
CA LEU A 37 -14.11 -5.33 1.06
C LEU A 37 -13.47 -3.95 0.89
N ASN A 38 -13.95 -2.94 1.62
CA ASN A 38 -13.66 -1.53 1.33
C ASN A 38 -13.75 -1.25 -0.17
N LYS A 39 -14.92 -1.55 -0.73
CA LYS A 39 -15.09 -1.55 -2.17
C LYS A 39 -16.47 -1.02 -2.54
N LEU A 40 -16.50 -0.05 -3.44
CA LEU A 40 -17.72 0.50 -3.99
C LEU A 40 -18.03 -0.21 -5.31
N PHE A 41 -19.28 -0.62 -5.49
CA PHE A 41 -19.76 -1.25 -6.72
C PHE A 41 -20.81 -0.31 -7.31
N CYS A 42 -20.64 0.08 -8.58
CA CYS A 42 -21.58 1.03 -9.15
C CYS A 42 -21.77 0.76 -10.63
N GLN A 43 -22.92 1.19 -11.13
CA GLN A 43 -23.21 1.19 -12.55
C GLN A 43 -22.54 2.35 -13.24
N LEU A 44 -22.40 2.21 -14.56
CA LEU A 44 -21.73 3.21 -15.38
C LEU A 44 -22.48 4.55 -15.33
N ALA A 45 -21.73 5.61 -14.99
CA ALA A 45 -22.24 6.99 -15.04
C ALA A 45 -23.39 7.25 -14.09
N LYS A 46 -23.55 6.44 -13.05
CA LYS A 46 -24.59 6.66 -12.06
C LYS A 46 -24.02 7.37 -10.83
N THR A 47 -24.90 8.06 -10.12
CA THR A 47 -24.50 8.85 -8.95
C THR A 47 -23.93 7.95 -7.85
N CYS A 48 -22.73 8.30 -7.38
CA CYS A 48 -22.09 7.62 -6.26
C CYS A 48 -21.92 8.61 -5.13
N PRO A 49 -22.79 8.59 -4.12
CA PRO A 49 -22.64 9.52 -2.99
C PRO A 49 -21.51 9.09 -2.07
N VAL A 50 -20.59 9.99 -1.81
CA VAL A 50 -19.48 9.75 -0.90
C VAL A 50 -19.51 10.83 0.16
N GLN A 51 -19.63 10.44 1.42
CA GLN A 51 -19.66 11.39 2.52
C GLN A 51 -18.26 11.77 2.95
N LEU A 52 -18.11 13.03 3.34
CA LEU A 52 -16.87 13.53 3.94
C LEU A 52 -17.17 13.90 5.38
N TRP A 53 -16.37 13.35 6.30
CA TRP A 53 -16.50 13.60 7.73
C TRP A 53 -15.21 14.20 8.26
N VAL A 54 -15.34 15.21 9.13
CA VAL A 54 -14.20 15.76 9.86
C VAL A 54 -14.62 15.96 11.30
N ASP A 55 -13.63 15.95 12.21
CA ASP A 55 -13.86 16.26 13.61
C ASP A 55 -13.79 17.74 13.91
N SER A 56 -13.12 18.51 13.06
CA SER A 56 -13.04 19.95 13.22
C SER A 56 -12.97 20.59 11.84
N THR A 57 -13.33 21.86 11.80
CA THR A 57 -13.53 22.56 10.53
C THR A 57 -12.19 22.94 9.91
N PRO A 58 -11.88 22.50 8.70
CA PRO A 58 -10.63 22.91 8.05
C PRO A 58 -10.71 24.34 7.57
N PRO A 59 -9.58 24.98 7.28
CA PRO A 59 -9.56 26.41 6.94
C PRO A 59 -10.27 26.69 5.62
N PRO A 60 -10.74 27.94 5.43
CA PRO A 60 -11.27 28.33 4.12
C PRO A 60 -10.22 28.12 3.04
N GLY A 61 -10.64 27.57 1.91
CA GLY A 61 -9.73 27.25 0.83
C GLY A 61 -9.31 25.79 0.78
N THR A 62 -9.68 25.02 1.80
CA THR A 62 -9.45 23.58 1.75
C THR A 62 -10.22 22.98 0.59
N ARG A 63 -9.63 21.98 -0.07
CA ARG A 63 -10.26 21.32 -1.21
C ARG A 63 -10.23 19.80 -1.04
N VAL A 64 -11.02 19.12 -1.86
CA VAL A 64 -11.15 17.67 -1.81
C VAL A 64 -10.91 17.15 -3.22
N ARG A 65 -9.90 16.30 -3.40
CA ARG A 65 -9.51 15.78 -4.71
C ARG A 65 -9.77 14.28 -4.79
N ALA A 66 -10.21 13.83 -5.96
CA ALA A 66 -10.38 12.41 -6.24
C ALA A 66 -9.50 12.01 -7.42
N MET A 67 -8.86 10.85 -7.31
CA MET A 67 -7.98 10.33 -8.35
C MET A 67 -8.07 8.81 -8.33
N ALA A 68 -8.03 8.20 -9.51
CA ALA A 68 -8.02 6.74 -9.61
C ALA A 68 -6.62 6.22 -9.93
N ILE A 69 -6.25 5.10 -9.31
CA ILE A 69 -5.03 4.38 -9.66
C ILE A 69 -5.37 2.89 -9.79
N TYR A 70 -4.56 2.19 -10.57
CA TYR A 70 -4.70 0.74 -10.61
C TYR A 70 -4.25 0.14 -9.28
N LYS A 71 -5.01 -0.85 -8.81
CA LYS A 71 -4.74 -1.45 -7.51
C LYS A 71 -3.52 -2.38 -7.56
N GLN A 72 -3.33 -3.10 -8.66
CA GLN A 72 -2.25 -4.07 -8.75
C GLN A 72 -0.92 -3.37 -9.04
N SER A 73 0.12 -3.78 -8.32
CA SER A 73 1.40 -3.08 -8.38
C SER A 73 1.99 -3.04 -9.79
N GLN A 74 1.79 -4.11 -10.57
CA GLN A 74 2.35 -4.15 -11.92
C GLN A 74 1.65 -3.20 -12.89
N HIS A 75 0.56 -2.55 -12.49
CA HIS A 75 -0.13 -1.58 -13.32
C HIS A 75 -0.19 -0.19 -12.71
N MET A 76 0.37 0.01 -11.50
CA MET A 76 0.12 1.26 -10.76
C MET A 76 0.73 2.47 -11.45
N THR A 77 1.77 2.27 -12.27
CA THR A 77 2.35 3.41 -12.98
C THR A 77 1.55 3.82 -14.21
N GLU A 78 0.57 3.03 -14.62
CA GLU A 78 -0.24 3.35 -15.79
C GLU A 78 -1.37 4.28 -15.39
N VAL A 79 -1.52 5.39 -16.14
CA VAL A 79 -2.59 6.34 -15.86
C VAL A 79 -3.94 5.67 -16.10
N VAL A 80 -4.85 5.77 -15.12
CA VAL A 80 -6.22 5.32 -15.30
C VAL A 80 -6.96 6.35 -16.14
N ARG A 81 -7.52 5.91 -17.27
CA ARG A 81 -8.24 6.80 -18.16
C ARG A 81 -9.40 6.05 -18.77
N ARG A 82 -10.31 6.80 -19.39
CA ARG A 82 -11.39 6.16 -20.14
C ARG A 82 -10.85 5.44 -21.37
N CYS A 83 -11.58 4.39 -21.78
CA CYS A 83 -11.20 3.52 -22.85
C CYS A 83 -11.34 4.22 -24.21
N PRO A 84 -10.83 3.62 -25.28
CA PRO A 84 -10.87 4.30 -26.59
C PRO A 84 -12.27 4.55 -27.11
N HIS A 85 -13.26 3.77 -26.65
CA HIS A 85 -14.63 4.05 -27.02
C HIS A 85 -15.20 5.20 -26.21
N HIS A 86 -15.15 5.10 -24.88
CA HIS A 86 -15.85 6.10 -24.06
C HIS A 86 -15.22 7.48 -24.14
N GLU A 87 -13.91 7.56 -24.38
CA GLU A 87 -13.32 8.89 -24.52
C GLU A 87 -13.81 9.63 -25.75
N ARG A 88 -14.47 8.93 -26.68
CA ARG A 88 -14.95 9.50 -27.94
C ARG A 88 -16.48 9.51 -28.06
N CYS A 89 -17.19 9.27 -26.95
N CYS A 89 -17.20 9.26 -26.98
CA CYS A 89 -18.63 9.07 -27.00
CA CYS A 89 -18.64 9.05 -27.14
C CYS A 89 -19.44 10.35 -27.08
C CYS A 89 -19.47 10.33 -26.96
N SER A 90 -18.83 11.50 -26.81
CA SER A 90 -19.54 12.78 -26.79
C SER A 90 -20.60 12.82 -25.68
N ASP A 91 -20.18 12.48 -24.47
CA ASP A 91 -21.05 12.54 -23.29
C ASP A 91 -20.56 13.59 -22.31
N SER A 92 -19.88 14.62 -22.81
CA SER A 92 -19.32 15.65 -21.96
C SER A 92 -20.42 16.36 -21.18
N ASP A 93 -20.13 16.69 -19.93
CA ASP A 93 -20.99 17.54 -19.13
C ASP A 93 -20.64 19.02 -19.30
N GLY A 94 -19.76 19.34 -20.24
CA GLY A 94 -19.31 20.69 -20.46
C GLY A 94 -18.14 21.13 -19.60
N LEU A 95 -17.66 20.28 -18.69
CA LEU A 95 -16.60 20.67 -17.79
C LEU A 95 -15.53 19.58 -17.68
N ALA A 96 -15.96 18.32 -17.57
CA ALA A 96 -15.01 17.21 -17.47
C ALA A 96 -14.39 16.93 -18.83
N PRO A 97 -13.07 16.81 -18.92
CA PRO A 97 -12.48 16.34 -20.17
C PRO A 97 -12.99 14.95 -20.49
N PRO A 98 -13.20 14.63 -21.77
CA PRO A 98 -13.76 13.32 -22.12
C PRO A 98 -12.88 12.15 -21.73
N GLN A 99 -11.59 12.37 -21.45
CA GLN A 99 -10.70 11.29 -21.06
C GLN A 99 -10.82 10.89 -19.60
N HIS A 100 -11.42 11.73 -18.74
CA HIS A 100 -11.37 11.50 -17.30
C HIS A 100 -12.39 10.45 -16.87
N LEU A 101 -11.94 9.46 -16.09
CA LEU A 101 -12.84 8.44 -15.58
C LEU A 101 -13.79 9.00 -14.53
N ILE A 102 -13.28 9.81 -13.60
CA ILE A 102 -14.06 10.27 -12.45
C ILE A 102 -14.55 11.69 -12.72
N ARG A 103 -15.87 11.88 -12.61
CA ARG A 103 -16.48 13.21 -12.66
C ARG A 103 -17.15 13.51 -11.33
N VAL A 104 -17.26 14.80 -11.02
CA VAL A 104 -18.13 15.27 -9.95
C VAL A 104 -19.41 15.78 -10.58
N GLU A 105 -20.54 15.34 -10.05
CA GLU A 105 -21.85 15.70 -10.56
C GLU A 105 -22.36 16.93 -9.83
N GLY A 106 -22.92 17.89 -10.58
CA GLY A 106 -23.65 18.99 -9.98
C GLY A 106 -22.84 19.94 -9.12
N ASN A 107 -21.61 20.25 -9.51
CA ASN A 107 -20.80 21.21 -8.76
C ASN A 107 -20.05 22.06 -9.78
N LEU A 108 -20.52 23.28 -9.99
CA LEU A 108 -19.90 24.15 -10.98
C LEU A 108 -18.51 24.63 -10.57
N ARG A 109 -18.10 24.39 -9.33
CA ARG A 109 -16.75 24.74 -8.88
C ARG A 109 -15.77 23.58 -9.01
N ALA A 110 -16.20 22.47 -9.60
CA ALA A 110 -15.28 21.37 -9.83
C ALA A 110 -14.22 21.78 -10.85
N GLU A 111 -12.98 21.39 -10.59
CA GLU A 111 -11.87 21.61 -11.51
C GLU A 111 -11.23 20.27 -11.85
N TYR A 112 -10.87 20.11 -13.11
CA TYR A 112 -10.29 18.88 -13.61
C TYR A 112 -8.84 19.14 -13.97
N LEU A 113 -7.94 18.31 -13.45
CA LEU A 113 -6.51 18.48 -13.63
C LEU A 113 -5.97 17.33 -14.47
N ASP A 114 -5.22 17.69 -15.53
CA ASP A 114 -4.27 16.79 -16.18
C ASP A 114 -2.90 17.18 -15.64
N ASP A 115 -2.30 16.31 -14.83
CA ASP A 115 -1.05 16.68 -14.19
C ASP A 115 0.05 16.82 -15.25
N ARG A 116 0.75 17.95 -15.21
CA ARG A 116 1.73 18.24 -16.26
C ARG A 116 2.95 17.33 -16.18
N ASN A 117 3.20 16.70 -15.04
CA ASN A 117 4.35 15.82 -14.86
C ASN A 117 4.01 14.34 -14.86
N THR A 118 2.92 13.94 -14.20
CA THR A 118 2.55 12.54 -14.13
C THR A 118 1.50 12.15 -15.16
N PHE A 119 0.82 13.13 -15.76
CA PHE A 119 -0.26 12.92 -16.72
C PHE A 119 -1.51 12.31 -16.10
N ARG A 120 -1.56 12.19 -14.77
CA ARG A 120 -2.72 11.60 -14.14
C ARG A 120 -3.86 12.61 -14.09
N HIS A 121 -5.08 12.09 -14.06
CA HIS A 121 -6.29 12.89 -14.02
C HIS A 121 -6.80 12.95 -12.59
N SER A 122 -7.38 14.09 -12.25
CA SER A 122 -8.06 14.20 -10.97
C SER A 122 -9.13 15.26 -11.07
N VAL A 123 -10.07 15.24 -10.14
CA VAL A 123 -11.12 16.24 -10.06
C VAL A 123 -11.16 16.75 -8.62
N VAL A 124 -11.20 18.06 -8.46
CA VAL A 124 -11.08 18.69 -7.16
C VAL A 124 -12.21 19.70 -6.98
N VAL A 125 -12.77 19.75 -5.76
CA VAL A 125 -13.82 20.69 -5.41
C VAL A 125 -13.49 21.37 -4.09
N PRO A 126 -14.05 22.55 -3.84
CA PRO A 126 -13.91 23.16 -2.52
C PRO A 126 -14.55 22.27 -1.46
N CYS A 127 -13.91 22.24 -0.28
N CYS A 127 -13.95 22.27 -0.26
CA CYS A 127 -14.45 21.55 0.89
CA CYS A 127 -14.47 21.46 0.85
C CYS A 127 -15.51 22.44 1.52
C CYS A 127 -15.47 22.31 1.62
N GLU A 128 -16.76 22.03 1.43
CA GLU A 128 -17.84 22.83 1.99
CA GLU A 128 -17.81 22.86 2.01
C GLU A 128 -18.35 22.25 3.30
N PRO A 129 -18.80 23.09 4.23
CA PRO A 129 -19.36 22.58 5.47
C PRO A 129 -20.70 21.93 5.23
N PRO A 130 -21.15 21.06 6.14
CA PRO A 130 -22.48 20.48 6.01
C PRO A 130 -23.56 21.55 5.98
N GLU A 131 -24.64 21.25 5.25
CA GLU A 131 -25.81 22.11 5.30
C GLU A 131 -26.38 22.11 6.71
N VAL A 132 -27.10 23.18 7.04
CA VAL A 132 -27.74 23.26 8.35
C VAL A 132 -28.65 22.06 8.53
N GLY A 133 -28.46 21.34 9.63
CA GLY A 133 -29.20 20.13 9.90
C GLY A 133 -28.49 18.84 9.55
N SER A 134 -27.40 18.91 8.79
CA SER A 134 -26.62 17.75 8.42
C SER A 134 -25.33 17.68 9.23
N ASP A 135 -24.81 16.47 9.37
CA ASP A 135 -23.57 16.24 10.10
C ASP A 135 -22.38 15.99 9.20
N CYS A 136 -22.58 15.88 7.89
CA CYS A 136 -21.47 15.65 6.98
C CYS A 136 -21.80 16.32 5.66
N THR A 137 -20.82 16.35 4.77
CA THR A 137 -21.02 16.82 3.41
C THR A 137 -20.90 15.63 2.47
N THR A 138 -21.65 15.67 1.37
CA THR A 138 -21.63 14.59 0.40
C THR A 138 -21.18 15.12 -0.96
N ILE A 139 -20.28 14.39 -1.61
CA ILE A 139 -19.89 14.66 -2.99
C ILE A 139 -20.51 13.55 -3.83
N HIS A 140 -21.04 13.91 -5.00
CA HIS A 140 -21.62 12.94 -5.91
C HIS A 140 -20.65 12.69 -7.06
N TYR A 141 -20.07 11.49 -7.11
CA TYR A 141 -19.13 11.12 -8.15
C TYR A 141 -19.81 10.25 -9.21
N ASN A 142 -19.27 10.29 -10.43
CA ASN A 142 -19.65 9.38 -11.50
C ASN A 142 -18.40 8.71 -12.03
N TYR A 143 -18.50 7.43 -12.35
CA TYR A 143 -17.42 6.69 -13.00
C TYR A 143 -17.85 6.39 -14.43
N MET A 144 -17.02 6.78 -15.39
CA MET A 144 -17.47 6.94 -16.78
C MET A 144 -17.02 5.83 -17.72
N CYS A 145 -16.48 4.73 -17.18
CA CYS A 145 -16.19 3.52 -17.93
C CYS A 145 -16.47 2.33 -17.03
N TYR A 146 -16.76 1.19 -17.63
CA TYR A 146 -16.85 -0.07 -16.91
C TYR A 146 -15.45 -0.60 -16.58
N SER A 147 -15.35 -1.31 -15.46
CA SER A 147 -14.08 -1.97 -15.14
C SER A 147 -13.62 -2.87 -16.27
N SER A 148 -14.55 -3.43 -17.03
CA SER A 148 -14.27 -4.39 -18.08
C SER A 148 -13.92 -3.74 -19.42
N CYS A 149 -13.95 -2.41 -19.56
CA CYS A 149 -13.80 -1.79 -20.88
C CYS A 149 -12.47 -2.16 -21.52
N MET A 150 -12.53 -2.72 -22.73
CA MET A 150 -11.29 -3.11 -23.40
C MET A 150 -10.52 -1.87 -23.85
N GLY A 151 -9.19 -1.95 -23.77
CA GLY A 151 -8.36 -0.81 -24.06
C GLY A 151 -8.33 0.26 -22.99
N GLY A 152 -9.15 0.12 -21.93
CA GLY A 152 -9.10 1.00 -20.78
C GLY A 152 -8.77 0.21 -19.55
N MET A 153 -9.66 0.19 -18.56
CA MET A 153 -9.37 -0.56 -17.34
C MET A 153 -9.16 -2.05 -17.63
N ASN A 154 -9.88 -2.61 -18.60
CA ASN A 154 -9.61 -3.95 -19.11
C ASN A 154 -9.61 -5.01 -18.00
N ARG A 155 -10.62 -4.92 -17.13
CA ARG A 155 -10.87 -5.84 -16.01
CA ARG A 155 -10.87 -5.84 -16.01
C ARG A 155 -9.91 -5.66 -14.85
N ARG A 156 -9.03 -4.66 -14.90
CA ARG A 156 -8.09 -4.44 -13.80
C ARG A 156 -8.76 -3.62 -12.70
N PRO A 157 -8.70 -4.05 -11.45
CA PRO A 157 -9.30 -3.28 -10.36
CA PRO A 157 -9.31 -3.28 -10.37
C PRO A 157 -8.60 -1.95 -10.16
N ILE A 158 -9.38 -0.96 -9.71
CA ILE A 158 -8.86 0.36 -9.42
C ILE A 158 -9.20 0.74 -7.98
N LEU A 159 -8.42 1.69 -7.47
N LEU A 159 -8.50 1.77 -7.50
CA LEU A 159 -8.73 2.39 -6.23
CA LEU A 159 -8.72 2.36 -6.19
C LEU A 159 -9.06 3.83 -6.57
C LEU A 159 -8.91 3.86 -6.40
N THR A 160 -9.96 4.42 -5.78
CA THR A 160 -10.12 5.87 -5.75
C THR A 160 -9.45 6.38 -4.47
N ILE A 161 -8.59 7.38 -4.63
CA ILE A 161 -7.93 8.05 -3.50
C ILE A 161 -8.58 9.42 -3.36
N ILE A 162 -9.08 9.71 -2.16
CA ILE A 162 -9.67 11.01 -1.86
C ILE A 162 -8.73 11.73 -0.92
N THR A 163 -8.25 12.90 -1.33
CA THR A 163 -7.33 13.68 -0.50
C THR A 163 -7.97 15.00 -0.10
N LEU A 164 -7.82 15.34 1.17
CA LEU A 164 -8.12 16.67 1.66
C LEU A 164 -6.84 17.50 1.53
N GLU A 165 -6.94 18.68 0.91
CA GLU A 165 -5.77 19.47 0.56
C GLU A 165 -5.95 20.91 1.02
N ASP A 166 -4.85 21.58 1.33
CA ASP A 166 -4.93 23.01 1.58
C ASP A 166 -4.96 23.77 0.25
N SER A 167 -4.98 25.10 0.32
CA SER A 167 -5.14 25.90 -0.89
C SER A 167 -3.96 25.79 -1.85
N SER A 168 -2.79 25.36 -1.37
CA SER A 168 -1.62 25.12 -2.21
C SER A 168 -1.55 23.70 -2.73
N GLY A 169 -2.45 22.82 -2.31
CA GLY A 169 -2.39 21.42 -2.69
C GLY A 169 -1.64 20.53 -1.73
N ASN A 170 -1.21 21.05 -0.59
CA ASN A 170 -0.52 20.21 0.39
C ASN A 170 -1.51 19.27 1.08
N LEU A 171 -1.00 18.11 1.47
CA LEU A 171 -1.82 17.06 2.06
C LEU A 171 -2.32 17.43 3.46
N LEU A 172 -3.63 17.33 3.66
CA LEU A 172 -4.21 17.41 5.00
C LEU A 172 -4.83 16.11 5.49
N GLY A 173 -5.23 15.24 4.58
CA GLY A 173 -5.89 13.99 4.94
C GLY A 173 -6.05 13.15 3.70
N ARG A 174 -6.22 11.85 3.92
CA ARG A 174 -6.33 10.92 2.79
C ARG A 174 -7.16 9.71 3.22
N ASP A 175 -7.97 9.22 2.28
CA ASP A 175 -8.73 7.98 2.45
C ASP A 175 -8.85 7.37 1.06
N SER A 176 -9.31 6.12 0.99
CA SER A 176 -9.38 5.46 -0.30
C SER A 176 -10.32 4.27 -0.24
N PHE A 177 -10.73 3.81 -1.43
CA PHE A 177 -11.61 2.66 -1.54
C PHE A 177 -11.45 2.05 -2.93
N GLU A 178 -11.61 0.74 -3.01
CA GLU A 178 -11.63 0.08 -4.31
C GLU A 178 -12.96 0.35 -5.01
N VAL A 179 -12.94 0.32 -6.35
CA VAL A 179 -14.15 0.54 -7.14
C VAL A 179 -14.25 -0.55 -8.20
N ARG A 180 -15.46 -1.07 -8.38
CA ARG A 180 -15.80 -1.89 -9.54
C ARG A 180 -16.99 -1.23 -10.21
N VAL A 181 -16.84 -0.89 -11.49
CA VAL A 181 -17.93 -0.34 -12.27
C VAL A 181 -18.49 -1.46 -13.12
N CYS A 182 -19.75 -1.81 -12.91
CA CYS A 182 -20.30 -3.04 -13.47
C CYS A 182 -21.79 -2.89 -13.69
N ALA A 183 -22.36 -3.85 -14.43
CA ALA A 183 -23.78 -3.78 -14.76
C ALA A 183 -24.67 -4.11 -13.57
N CYS A 184 -24.23 -4.98 -12.67
CA CYS A 184 -25.08 -5.46 -11.57
C CYS A 184 -24.31 -5.35 -10.26
N PRO A 185 -24.22 -4.15 -9.69
CA PRO A 185 -23.45 -3.96 -8.45
C PRO A 185 -23.94 -4.79 -7.27
N GLY A 186 -25.26 -4.96 -7.13
CA GLY A 186 -25.76 -5.73 -5.99
C GLY A 186 -25.34 -7.18 -6.05
N ARG A 187 -25.48 -7.81 -7.22
CA ARG A 187 -25.06 -9.19 -7.37
C ARG A 187 -23.56 -9.33 -7.21
N ASP A 188 -22.78 -8.39 -7.78
CA ASP A 188 -21.34 -8.53 -7.69
C ASP A 188 -20.85 -8.32 -6.25
N ARG A 189 -21.47 -7.39 -5.52
CA ARG A 189 -21.11 -7.23 -4.10
C ARG A 189 -21.40 -8.51 -3.32
N ARG A 190 -22.57 -9.11 -3.56
CA ARG A 190 -22.91 -10.35 -2.88
C ARG A 190 -21.91 -11.46 -3.21
N THR A 191 -21.54 -11.58 -4.48
CA THR A 191 -20.59 -12.61 -4.90
C THR A 191 -19.22 -12.41 -4.25
N GLU A 192 -18.70 -11.18 -4.29
CA GLU A 192 -17.37 -10.96 -3.75
C GLU A 192 -17.34 -11.08 -2.23
N GLU A 193 -18.42 -10.69 -1.55
CA GLU A 193 -18.49 -10.88 -0.11
C GLU A 193 -18.57 -12.35 0.25
N GLU A 194 -19.28 -13.14 -0.57
CA GLU A 194 -19.29 -14.59 -0.36
C GLU A 194 -17.90 -15.18 -0.59
N ASN A 195 -17.24 -14.79 -1.68
CA ASN A 195 -15.90 -15.30 -1.94
C ASN A 195 -14.95 -14.99 -0.79
N LEU A 196 -15.06 -13.78 -0.22
CA LEU A 196 -14.21 -13.42 0.91
C LEU A 196 -14.49 -14.29 2.13
N ARG A 197 -15.73 -14.70 2.32
CA ARG A 197 -16.12 -15.45 3.51
C ARG A 197 -15.80 -16.93 3.39
N SER B 1 31.44 -10.47 -5.83
CA SER B 1 31.06 -10.77 -4.45
C SER B 1 31.27 -9.58 -3.54
N SER B 2 30.64 -9.62 -2.37
CA SER B 2 30.67 -8.51 -1.44
C SER B 2 30.93 -9.03 -0.03
N SER B 3 31.44 -8.15 0.83
CA SER B 3 31.60 -8.49 2.25
C SER B 3 30.23 -8.77 2.87
N VAL B 4 30.24 -9.49 3.98
CA VAL B 4 29.02 -10.03 4.58
C VAL B 4 28.66 -9.19 5.80
N PRO B 5 27.51 -8.51 5.80
CA PRO B 5 27.09 -7.76 6.99
C PRO B 5 26.87 -8.70 8.16
N SER B 6 27.17 -8.20 9.37
CA SER B 6 26.97 -9.00 10.56
C SER B 6 25.49 -9.28 10.79
N GLN B 7 25.18 -10.49 11.28
CA GLN B 7 23.83 -10.82 11.70
C GLN B 7 23.75 -11.03 13.21
N LYS B 8 24.78 -10.67 13.95
CA LYS B 8 24.83 -10.96 15.38
C LYS B 8 23.83 -10.10 16.15
N THR B 9 23.01 -10.74 16.97
CA THR B 9 22.05 -10.00 17.78
C THR B 9 22.79 -9.07 18.75
N TYR B 10 22.32 -7.84 18.83
CA TYR B 10 22.99 -6.82 19.64
C TYR B 10 21.93 -5.85 20.13
N GLN B 11 21.54 -5.94 21.40
CA GLN B 11 20.50 -5.05 21.89
C GLN B 11 20.98 -3.61 22.02
N GLY B 12 22.26 -3.41 22.35
CA GLY B 12 22.80 -2.06 22.46
C GLY B 12 22.25 -1.31 23.67
N SER B 13 22.57 -0.02 23.69
CA SER B 13 22.28 0.82 24.85
C SER B 13 20.79 1.01 25.06
N TYR B 14 19.98 0.90 24.01
CA TYR B 14 18.55 1.16 24.10
C TYR B 14 17.73 -0.10 24.29
N GLY B 15 18.36 -1.28 24.37
CA GLY B 15 17.59 -2.51 24.54
C GLY B 15 16.74 -2.85 23.34
N PHE B 16 17.30 -2.72 22.14
CA PHE B 16 16.55 -2.90 20.90
C PHE B 16 16.33 -4.38 20.59
N ARG B 17 15.09 -4.72 20.21
CA ARG B 17 14.79 -6.06 19.72
C ARG B 17 13.48 -6.02 18.94
N LEU B 18 13.27 -7.06 18.13
CA LEU B 18 12.08 -7.14 17.30
C LEU B 18 10.95 -7.88 18.03
N GLY B 19 9.75 -7.75 17.48
CA GLY B 19 8.63 -8.57 17.91
C GLY B 19 7.74 -8.81 16.71
N PHE B 20 6.90 -9.84 16.82
CA PHE B 20 6.02 -10.24 15.73
C PHE B 20 4.64 -10.55 16.28
N LEU B 21 3.62 -10.32 15.46
CA LEU B 21 2.26 -10.68 15.82
C LEU B 21 2.13 -12.19 15.91
N HIS B 22 1.04 -12.64 16.55
CA HIS B 22 0.71 -14.06 16.63
C HIS B 22 -0.48 -14.31 15.71
N SER B 23 -0.17 -14.59 14.44
CA SER B 23 -1.17 -14.63 13.38
C SER B 23 -1.71 -16.01 13.08
N GLY B 24 -1.14 -17.06 13.65
CA GLY B 24 -1.64 -18.39 13.42
C GLY B 24 -1.22 -18.97 12.08
N THR B 25 -1.76 -20.15 11.78
CA THR B 25 -1.32 -20.91 10.62
C THR B 25 -2.47 -21.35 9.72
N ALA B 26 -3.59 -20.63 9.76
CA ALA B 26 -4.70 -20.94 8.86
C ALA B 26 -4.26 -20.76 7.41
N LYS B 27 -4.92 -21.49 6.53
CA LYS B 27 -4.60 -21.43 5.10
C LYS B 27 -4.69 -20.03 4.51
N SER B 28 -5.53 -19.19 5.09
CA SER B 28 -5.76 -17.84 4.59
C SER B 28 -4.71 -16.83 5.06
N VAL B 29 -3.87 -17.18 6.03
CA VAL B 29 -2.96 -16.20 6.62
C VAL B 29 -1.94 -15.73 5.59
N THR B 30 -1.66 -14.43 5.58
CA THR B 30 -0.76 -13.85 4.61
C THR B 30 0.66 -13.65 5.14
N CYS B 31 0.82 -13.65 6.46
CA CYS B 31 2.13 -13.48 7.09
C CYS B 31 2.04 -14.12 8.46
N THR B 32 3.01 -14.96 8.81
CA THR B 32 3.00 -15.61 10.12
C THR B 32 4.44 -15.88 10.55
N TYR B 33 4.71 -15.71 11.84
CA TYR B 33 6.07 -15.81 12.37
C TYR B 33 6.18 -17.02 13.29
N SER B 34 7.25 -17.80 13.09
CA SER B 34 7.54 -18.94 13.92
C SER B 34 8.64 -18.62 14.93
N PRO B 35 8.33 -18.46 16.21
CA PRO B 35 9.40 -18.28 17.21
C PRO B 35 10.36 -19.45 17.28
N ALA B 36 9.86 -20.68 17.14
CA ALA B 36 10.73 -21.84 17.28
C ALA B 36 11.78 -21.88 16.17
N LEU B 37 11.44 -21.39 14.98
CA LEU B 37 12.35 -21.34 13.86
C LEU B 37 13.03 -19.99 13.67
N ASN B 38 12.64 -18.97 14.44
CA ASN B 38 12.97 -17.56 14.17
C ASN B 38 12.81 -17.25 12.69
N LYS B 39 11.62 -17.53 12.17
CA LYS B 39 11.39 -17.49 10.73
C LYS B 39 10.03 -16.92 10.43
N LEU B 40 10.01 -15.91 9.56
CA LEU B 40 8.79 -15.29 9.06
C LEU B 40 8.41 -15.94 7.74
N PHE B 41 7.14 -16.31 7.61
CA PHE B 41 6.60 -16.88 6.38
C PHE B 41 5.57 -15.90 5.83
N CYS B 42 5.68 -15.53 4.56
CA CYS B 42 4.79 -14.51 4.04
C CYS B 42 4.49 -14.73 2.57
N GLN B 43 3.35 -14.22 2.13
CA GLN B 43 3.00 -14.23 0.73
C GLN B 43 3.70 -13.09 -0.01
N LEU B 44 3.76 -13.23 -1.33
CA LEU B 44 4.46 -12.27 -2.17
C LEU B 44 3.80 -10.89 -2.07
N ALA B 45 4.62 -9.89 -1.73
CA ALA B 45 4.24 -8.48 -1.71
C ALA B 45 3.17 -8.14 -0.68
N LYS B 46 2.88 -9.02 0.27
CA LYS B 46 1.86 -8.73 1.28
C LYS B 46 2.50 -8.06 2.49
N THR B 47 1.66 -7.39 3.28
CA THR B 47 2.10 -6.66 4.45
C THR B 47 2.71 -7.61 5.48
N CYS B 48 3.94 -7.32 5.91
CA CYS B 48 4.61 -8.05 6.98
C CYS B 48 4.87 -7.09 8.13
N PRO B 49 4.07 -7.13 9.19
CA PRO B 49 4.31 -6.23 10.33
C PRO B 49 5.47 -6.73 11.17
N VAL B 50 6.41 -5.83 11.43
CA VAL B 50 7.56 -6.12 12.29
C VAL B 50 7.56 -5.06 13.40
N GLN B 51 7.52 -5.51 14.65
CA GLN B 51 7.52 -4.59 15.77
C GLN B 51 8.93 -4.25 16.19
N LEU B 52 9.12 -3.00 16.62
CA LEU B 52 10.37 -2.53 17.20
C LEU B 52 10.13 -2.22 18.66
N TRP B 53 10.94 -2.82 19.53
CA TRP B 53 10.86 -2.62 20.97
C TRP B 53 12.19 -2.08 21.49
N VAL B 54 12.13 -1.09 22.39
CA VAL B 54 13.31 -0.60 23.09
C VAL B 54 12.96 -0.41 24.57
N ASP B 55 13.98 -0.48 25.41
CA ASP B 55 13.80 -0.21 26.83
C ASP B 55 13.90 1.27 27.16
N SER B 56 14.55 2.05 26.31
CA SER B 56 14.65 3.49 26.52
C SER B 56 14.59 4.18 25.17
N THR B 57 14.22 5.45 25.20
CA THR B 57 13.89 6.20 24.00
C THR B 57 15.16 6.61 23.26
N PRO B 58 15.36 6.20 22.02
CA PRO B 58 16.52 6.66 21.26
C PRO B 58 16.35 8.09 20.79
N PRO B 59 17.43 8.76 20.42
CA PRO B 59 17.36 10.19 20.09
C PRO B 59 16.60 10.46 18.80
N PRO B 60 16.03 11.65 18.63
CA PRO B 60 15.46 12.03 17.34
C PRO B 60 16.52 11.93 16.25
N GLY B 61 16.13 11.39 15.11
CA GLY B 61 17.05 11.14 14.02
C GLY B 61 17.53 9.70 13.95
N THR B 62 17.26 8.90 14.98
CA THR B 62 17.50 7.47 14.89
C THR B 62 16.70 6.89 13.72
N ARG B 63 17.29 5.92 13.03
CA ARG B 63 16.64 5.27 11.89
C ARG B 63 16.67 3.77 12.06
N VAL B 64 15.89 3.07 11.24
CA VAL B 64 15.82 1.61 11.25
C VAL B 64 15.98 1.11 9.82
N ARG B 65 16.95 0.23 9.62
CA ARG B 65 17.31 -0.25 8.28
C ARG B 65 17.03 -1.74 8.19
N ALA B 66 16.57 -2.19 7.01
CA ALA B 66 16.37 -3.61 6.74
C ALA B 66 17.22 -4.00 5.53
N MET B 67 17.85 -5.17 5.62
CA MET B 67 18.69 -5.71 4.55
C MET B 67 18.57 -7.22 4.57
N ALA B 68 18.55 -7.85 3.39
CA ALA B 68 18.52 -9.31 3.30
C ALA B 68 19.90 -9.84 2.96
N ILE B 69 20.25 -10.99 3.55
CA ILE B 69 21.42 -11.75 3.15
C ILE B 69 21.05 -13.23 3.01
N TYR B 70 21.82 -13.96 2.19
CA TYR B 70 21.63 -15.40 2.14
C TYR B 70 22.14 -16.05 3.42
N LYS B 71 21.39 -17.05 3.90
CA LYS B 71 21.71 -17.73 5.14
C LYS B 71 22.90 -18.68 4.99
N GLN B 72 22.97 -19.40 3.87
CA GLN B 72 23.97 -20.46 3.72
C GLN B 72 25.36 -19.90 3.42
N SER B 73 26.37 -20.64 3.90
CA SER B 73 27.75 -20.21 3.80
CA SER B 73 27.75 -20.18 3.80
C SER B 73 28.16 -19.91 2.36
N GLN B 74 27.78 -20.79 1.42
CA GLN B 74 28.23 -20.65 0.05
CA GLN B 74 28.26 -20.62 0.06
C GLN B 74 27.55 -19.52 -0.69
N HIS B 75 26.48 -18.94 -0.13
CA HIS B 75 25.73 -17.90 -0.79
C HIS B 75 25.78 -16.55 -0.09
N MET B 76 26.32 -16.49 1.14
CA MET B 76 26.21 -15.26 1.91
CA MET B 76 26.20 -15.25 1.91
C MET B 76 26.94 -14.09 1.27
N THR B 77 27.97 -14.35 0.44
CA THR B 77 28.65 -13.23 -0.21
C THR B 77 27.93 -12.69 -1.43
N GLU B 78 26.84 -13.33 -1.87
CA GLU B 78 26.08 -12.87 -3.02
C GLU B 78 24.99 -11.89 -2.60
N VAL B 79 24.89 -10.75 -3.31
CA VAL B 79 23.83 -9.80 -3.03
C VAL B 79 22.47 -10.43 -3.26
N VAL B 80 21.57 -10.29 -2.28
CA VAL B 80 20.18 -10.73 -2.45
C VAL B 80 19.45 -9.67 -3.27
N ARG B 81 18.88 -10.09 -4.39
CA ARG B 81 18.18 -9.15 -5.28
C ARG B 81 16.97 -9.84 -5.88
N ARG B 82 16.10 -9.04 -6.49
CA ARG B 82 14.96 -9.62 -7.20
C ARG B 82 15.43 -10.33 -8.45
N CYS B 83 14.61 -11.31 -8.88
CA CYS B 83 14.93 -12.20 -9.97
C CYS B 83 14.81 -11.48 -11.30
N PRO B 84 15.29 -12.10 -12.40
CA PRO B 84 15.26 -11.42 -13.70
C PRO B 84 13.86 -11.07 -14.18
N HIS B 85 12.85 -11.83 -13.77
CA HIS B 85 11.48 -11.48 -14.13
C HIS B 85 10.97 -10.29 -13.32
N HIS B 86 11.04 -10.40 -11.99
CA HIS B 86 10.41 -9.38 -11.16
C HIS B 86 11.11 -8.03 -11.24
N GLU B 87 12.43 -7.99 -11.48
CA GLU B 87 13.08 -6.71 -11.61
C GLU B 87 12.63 -5.96 -12.86
N ARG B 88 12.00 -6.66 -13.82
CA ARG B 88 11.55 -6.08 -15.08
C ARG B 88 10.03 -5.96 -15.18
N CYS B 89 9.28 -6.10 -14.09
N CYS B 89 9.30 -6.08 -14.07
CA CYS B 89 7.83 -6.13 -14.21
CA CYS B 89 7.84 -6.13 -14.08
C CYS B 89 7.15 -4.80 -13.92
C CYS B 89 7.17 -4.77 -14.09
N SER B 90 7.91 -3.69 -13.87
CA SER B 90 7.34 -2.34 -13.77
C SER B 90 6.39 -2.19 -12.58
N ASP B 91 6.75 -2.78 -11.44
CA ASP B 91 5.91 -2.70 -10.25
C ASP B 91 6.47 -1.77 -9.17
N SER B 92 7.42 -0.91 -9.51
CA SER B 92 7.97 0.00 -8.52
C SER B 92 6.93 1.05 -8.13
N ASP B 93 7.01 1.50 -6.88
CA ASP B 93 6.13 2.53 -6.35
C ASP B 93 6.67 3.93 -6.55
N GLY B 94 7.73 4.10 -7.33
CA GLY B 94 8.37 5.39 -7.49
C GLY B 94 9.47 5.67 -6.48
N LEU B 95 9.52 4.91 -5.39
CA LEU B 95 10.59 5.02 -4.41
C LEU B 95 11.54 3.85 -4.44
N ALA B 96 11.01 2.64 -4.39
CA ALA B 96 11.85 1.44 -4.37
C ALA B 96 12.44 1.16 -5.74
N PRO B 97 13.75 1.01 -5.88
CA PRO B 97 14.30 0.53 -7.14
C PRO B 97 13.73 -0.84 -7.45
N PRO B 98 13.50 -1.16 -8.72
CA PRO B 98 12.87 -2.44 -9.07
C PRO B 98 13.69 -3.65 -8.69
N GLN B 99 15.00 -3.50 -8.43
CA GLN B 99 15.86 -4.61 -8.03
C GLN B 99 15.72 -4.97 -6.56
N HIS B 100 15.15 -4.11 -5.72
CA HIS B 100 15.18 -4.32 -4.27
C HIS B 100 14.12 -5.34 -3.82
N LEU B 101 14.57 -6.35 -3.07
CA LEU B 101 13.64 -7.35 -2.56
C LEU B 101 12.71 -6.77 -1.50
N ILE B 102 13.25 -5.98 -0.57
CA ILE B 102 12.50 -5.51 0.59
C ILE B 102 12.06 -4.07 0.35
N ARG B 103 10.76 -3.84 0.48
CA ARG B 103 10.18 -2.51 0.47
C ARG B 103 9.54 -2.22 1.83
N VAL B 104 9.43 -0.93 2.15
CA VAL B 104 8.58 -0.48 3.24
C VAL B 104 7.26 0.02 2.65
N GLU B 105 6.16 -0.44 3.22
CA GLU B 105 4.82 -0.07 2.77
C GLU B 105 4.34 1.14 3.56
N GLY B 106 3.80 2.13 2.85
CA GLY B 106 3.10 3.24 3.49
C GLY B 106 3.95 4.17 4.33
N ASN B 107 5.16 4.50 3.88
CA ASN B 107 6.01 5.47 4.57
C ASN B 107 6.75 6.28 3.50
N LEU B 108 6.29 7.51 3.28
CA LEU B 108 6.91 8.37 2.28
C LEU B 108 8.32 8.80 2.65
N ARG B 109 8.77 8.52 3.87
CA ARG B 109 10.11 8.85 4.30
C ARG B 109 11.09 7.69 4.14
N ALA B 110 10.64 6.57 3.58
CA ALA B 110 11.53 5.46 3.30
C ALA B 110 12.58 5.87 2.27
N GLU B 111 13.82 5.48 2.52
CA GLU B 111 14.91 5.70 1.59
C GLU B 111 15.54 4.36 1.24
N TYR B 112 15.92 4.22 -0.02
CA TYR B 112 16.48 3.00 -0.55
C TYR B 112 17.93 3.22 -0.92
N LEU B 113 18.82 2.36 -0.42
CA LEU B 113 20.25 2.50 -0.62
C LEU B 113 20.76 1.35 -1.49
N ASP B 114 21.51 1.69 -2.52
CA ASP B 114 22.42 0.77 -3.21
C ASP B 114 23.80 1.10 -2.69
N ASP B 115 24.39 0.23 -1.88
CA ASP B 115 25.67 0.56 -1.27
C ASP B 115 26.75 0.68 -2.33
N ARG B 116 27.48 1.80 -2.33
CA ARG B 116 28.44 2.07 -3.39
C ARG B 116 29.64 1.12 -3.36
N ASN B 117 29.92 0.49 -2.22
CA ASN B 117 31.05 -0.41 -2.09
C ASN B 117 30.66 -1.87 -2.17
N THR B 118 29.59 -2.28 -1.50
CA THR B 118 29.19 -3.67 -1.42
C THR B 118 28.09 -4.04 -2.41
N PHE B 119 27.43 -3.04 -2.99
CA PHE B 119 26.31 -3.22 -3.91
C PHE B 119 25.08 -3.82 -3.26
N ARG B 120 25.07 -3.99 -1.93
CA ARG B 120 23.90 -4.50 -1.27
C ARG B 120 22.79 -3.46 -1.18
N HIS B 121 21.56 -3.96 -1.12
CA HIS B 121 20.37 -3.13 -1.06
C HIS B 121 19.86 -3.06 0.37
N SER B 122 19.30 -1.91 0.73
CA SER B 122 18.62 -1.78 2.00
C SER B 122 17.58 -0.69 1.92
N VAL B 123 16.65 -0.71 2.87
CA VAL B 123 15.61 0.30 2.98
C VAL B 123 15.60 0.79 4.42
N VAL B 124 15.56 2.12 4.60
CA VAL B 124 15.71 2.73 5.91
C VAL B 124 14.61 3.75 6.12
N VAL B 125 14.05 3.80 7.33
CA VAL B 125 13.03 4.78 7.69
C VAL B 125 13.39 5.41 9.03
N PRO B 126 12.85 6.59 9.31
CA PRO B 126 13.02 7.16 10.66
C PRO B 126 12.40 6.25 11.71
N CYS B 127 13.05 6.16 12.87
N CYS B 127 13.08 6.13 12.84
CA CYS B 127 12.53 5.35 13.98
CA CYS B 127 12.56 5.43 14.00
C CYS B 127 11.67 6.26 14.85
C CYS B 127 11.66 6.39 14.75
N GLU B 128 10.36 6.11 14.73
CA GLU B 128 9.41 6.98 15.40
C GLU B 128 8.90 6.34 16.68
N PRO B 129 8.49 7.14 17.66
CA PRO B 129 7.92 6.59 18.89
CA PRO B 129 7.92 6.59 18.89
C PRO B 129 6.60 5.89 18.61
N PRO B 130 6.15 5.01 19.50
CA PRO B 130 4.86 4.35 19.31
C PRO B 130 3.72 5.35 19.22
N GLU B 131 2.68 4.97 18.49
CA GLU B 131 1.46 5.77 18.45
C GLU B 131 0.80 5.76 19.82
N VAL B 132 -0.16 6.68 19.99
CA VAL B 132 -0.92 6.73 21.24
C VAL B 132 -1.62 5.39 21.46
N GLY B 133 -1.57 4.91 22.70
CA GLY B 133 -2.21 3.65 23.01
C GLY B 133 -1.53 2.44 22.41
N SER B 134 -0.24 2.53 22.13
CA SER B 134 0.55 1.40 21.67
C SER B 134 1.87 1.39 22.42
N ASP B 135 2.41 0.19 22.63
CA ASP B 135 3.64 0.01 23.39
C ASP B 135 4.87 -0.15 22.50
N CYS B 136 4.70 -0.30 21.20
CA CYS B 136 5.83 -0.47 20.31
C CYS B 136 5.53 0.22 18.99
N THR B 137 6.53 0.30 18.15
CA THR B 137 6.40 0.83 16.81
C THR B 137 6.42 -0.32 15.83
N THR B 138 5.58 -0.24 14.80
CA THR B 138 5.49 -1.28 13.79
C THR B 138 5.88 -0.73 12.43
N ILE B 139 6.74 -1.45 11.72
CA ILE B 139 7.07 -1.18 10.34
C ILE B 139 6.40 -2.25 9.50
N HIS B 140 5.85 -1.84 8.36
CA HIS B 140 5.23 -2.77 7.41
CA HIS B 140 5.24 -2.79 7.43
C HIS B 140 6.19 -3.01 6.26
N TYR B 141 6.72 -4.22 6.15
CA TYR B 141 7.61 -4.59 5.06
C TYR B 141 6.84 -5.40 4.00
N ASN B 142 7.34 -5.35 2.77
CA ASN B 142 6.87 -6.20 1.69
C ASN B 142 8.08 -6.89 1.07
N TYR B 143 7.96 -8.19 0.79
CA TYR B 143 8.99 -8.94 0.10
C TYR B 143 8.53 -9.19 -1.33
N MET B 144 9.36 -8.84 -2.30
CA MET B 144 8.90 -8.66 -3.68
C MET B 144 9.30 -9.78 -4.64
N CYS B 145 9.82 -10.89 -4.13
CA CYS B 145 10.02 -12.11 -4.89
C CYS B 145 9.68 -13.29 -3.99
N TYR B 146 9.30 -14.40 -4.61
CA TYR B 146 9.19 -15.67 -3.88
C TYR B 146 10.57 -16.22 -3.60
N SER B 147 10.69 -16.97 -2.50
CA SER B 147 11.95 -17.66 -2.21
C SER B 147 12.37 -18.55 -3.37
N SER B 148 11.40 -19.08 -4.13
CA SER B 148 11.67 -20.00 -5.22
C SER B 148 12.01 -19.33 -6.56
N CYS B 149 11.99 -17.99 -6.64
CA CYS B 149 12.12 -17.34 -7.96
C CYS B 149 13.41 -17.75 -8.66
N MET B 150 13.28 -18.29 -9.87
CA MET B 150 14.45 -18.69 -10.64
C MET B 150 15.30 -17.49 -11.01
N GLY B 151 16.62 -17.64 -10.90
CA GLY B 151 17.52 -16.55 -11.19
C GLY B 151 17.62 -15.48 -10.11
N GLY B 152 16.79 -15.57 -9.07
CA GLY B 152 16.91 -14.71 -7.91
C GLY B 152 17.24 -15.56 -6.71
N MET B 153 16.39 -15.55 -5.68
CA MET B 153 16.69 -16.36 -4.51
C MET B 153 16.83 -17.85 -4.84
N ASN B 154 16.07 -18.35 -5.81
CA ASN B 154 16.25 -19.69 -6.35
CA ASN B 154 16.26 -19.69 -6.36
C ASN B 154 16.27 -20.76 -5.26
N ARG B 155 15.29 -20.67 -4.35
CA ARG B 155 15.06 -21.61 -3.26
C ARG B 155 16.07 -21.49 -2.12
N ARG B 156 16.98 -20.51 -2.17
CA ARG B 156 17.98 -20.35 -1.11
C ARG B 156 17.39 -19.55 0.03
N PRO B 157 17.50 -20.03 1.28
CA PRO B 157 16.95 -19.26 2.41
CA PRO B 157 16.95 -19.26 2.41
C PRO B 157 17.70 -17.96 2.63
N ILE B 158 16.95 -16.95 3.07
CA ILE B 158 17.49 -15.64 3.40
C ILE B 158 17.20 -15.30 4.85
N LEU B 159 17.99 -14.35 5.36
CA LEU B 159 17.73 -13.67 6.62
C LEU B 159 17.48 -12.20 6.32
N THR B 160 16.60 -11.59 7.09
CA THR B 160 16.50 -10.13 7.14
C THR B 160 17.21 -9.65 8.39
N ILE B 161 18.10 -8.67 8.22
CA ILE B 161 18.81 -8.04 9.33
C ILE B 161 18.20 -6.66 9.52
N ILE B 162 17.75 -6.38 10.73
CA ILE B 162 17.19 -5.08 11.09
C ILE B 162 18.19 -4.38 11.98
N THR B 163 18.63 -3.20 11.58
CA THR B 163 19.58 -2.43 12.36
C THR B 163 18.96 -1.11 12.80
N LEU B 164 19.12 -0.80 14.08
CA LEU B 164 18.84 0.53 14.60
C LEU B 164 20.11 1.34 14.47
N GLU B 165 20.00 2.54 13.89
CA GLU B 165 21.16 3.35 13.54
C GLU B 165 20.97 4.79 14.01
N ASP B 166 22.08 5.47 14.29
CA ASP B 166 21.98 6.89 14.54
C ASP B 166 21.90 7.64 13.22
N SER B 167 21.85 8.97 13.28
CA SER B 167 21.63 9.76 12.07
C SER B 167 22.81 9.70 11.10
N SER B 168 23.99 9.28 11.57
CA SER B 168 25.15 9.06 10.71
C SER B 168 25.19 7.66 10.12
N GLY B 169 24.31 6.77 10.56
CA GLY B 169 24.36 5.38 10.13
C GLY B 169 25.16 4.47 11.05
N ASN B 170 25.66 4.97 12.18
CA ASN B 170 26.38 4.13 13.12
C ASN B 170 25.43 3.17 13.83
N LEU B 171 25.93 1.99 14.13
CA LEU B 171 25.12 0.92 14.71
C LEU B 171 24.72 1.25 16.15
N LEU B 172 23.43 1.15 16.44
CA LEU B 172 22.90 1.20 17.80
C LEU B 172 22.35 -0.14 18.28
N GLY B 173 21.83 -0.97 17.38
CA GLY B 173 21.27 -2.26 17.75
C GLY B 173 21.02 -3.09 16.51
N ARG B 174 20.92 -4.40 16.71
CA ARG B 174 20.77 -5.32 15.58
C ARG B 174 19.94 -6.53 16.00
N ASP B 175 19.08 -6.99 15.11
CA ASP B 175 18.32 -8.22 15.29
C ASP B 175 18.10 -8.80 13.89
N SER B 176 17.60 -10.03 13.83
CA SER B 176 17.45 -10.68 12.53
C SER B 176 16.44 -11.81 12.62
N PHE B 177 15.97 -12.23 11.45
CA PHE B 177 15.03 -13.35 11.33
C PHE B 177 15.13 -13.94 9.94
N GLU B 178 14.91 -15.25 9.84
CA GLU B 178 14.83 -15.89 8.53
CA GLU B 178 14.84 -15.88 8.53
C GLU B 178 13.49 -15.55 7.88
N VAL B 179 13.47 -15.59 6.54
CA VAL B 179 12.24 -15.31 5.79
C VAL B 179 12.07 -16.36 4.72
N ARG B 180 10.84 -16.86 4.58
CA ARG B 180 10.42 -17.62 3.40
C ARG B 180 9.23 -16.90 2.81
N VAL B 181 9.35 -16.52 1.54
CA VAL B 181 8.25 -15.93 0.80
C VAL B 181 7.63 -17.04 -0.04
N CYS B 182 6.36 -17.35 0.22
CA CYS B 182 5.74 -18.54 -0.36
C CYS B 182 4.24 -18.33 -0.53
N ALA B 183 3.62 -19.24 -1.27
CA ALA B 183 2.20 -19.12 -1.56
C ALA B 183 1.34 -19.43 -0.34
N CYS B 184 1.78 -20.34 0.53
CA CYS B 184 0.97 -20.83 1.64
C CYS B 184 1.78 -20.76 2.92
N PRO B 185 1.95 -19.55 3.48
CA PRO B 185 2.75 -19.41 4.70
C PRO B 185 2.27 -20.24 5.87
N GLY B 186 0.95 -20.35 6.07
CA GLY B 186 0.45 -21.09 7.21
C GLY B 186 0.80 -22.57 7.11
N ARG B 187 0.59 -23.15 5.93
CA ARG B 187 0.93 -24.56 5.73
C ARG B 187 2.44 -24.77 5.84
N ASP B 188 3.24 -23.88 5.26
CA ASP B 188 4.68 -24.08 5.30
C ASP B 188 5.23 -23.91 6.72
N ARG B 189 4.67 -22.99 7.50
CA ARG B 189 5.09 -22.89 8.90
C ARG B 189 4.76 -24.17 9.66
N ARG B 190 3.54 -24.68 9.50
CA ARG B 190 3.20 -25.92 10.18
C ARG B 190 4.11 -27.07 9.77
N THR B 191 4.42 -27.16 8.48
CA THR B 191 5.30 -28.21 7.99
C THR B 191 6.69 -28.11 8.59
N GLU B 192 7.28 -26.90 8.56
CA GLU B 192 8.63 -26.75 9.05
C GLU B 192 8.70 -26.89 10.56
N GLU B 193 7.64 -26.49 11.27
CA GLU B 193 7.60 -26.73 12.72
C GLU B 193 7.42 -28.21 13.02
N GLU B 194 6.66 -28.93 12.19
CA GLU B 194 6.54 -30.37 12.34
C GLU B 194 7.90 -31.04 12.14
N ASN B 195 8.64 -30.62 11.11
CA ASN B 195 9.96 -31.19 10.86
C ASN B 195 10.90 -30.93 12.03
N LEU B 196 10.87 -29.72 12.58
CA LEU B 196 11.67 -29.42 13.76
C LEU B 196 11.30 -30.34 14.92
N ARG B 197 10.00 -30.55 15.12
CA ARG B 197 9.52 -31.49 16.14
C ARG B 197 9.90 -32.91 15.75
ZN ZN C . -15.13 2.51 -21.48
C1 O82 D . -16.83 20.39 6.82
F1 O82 D . -15.47 16.62 5.98
N1 O82 D . -17.11 19.06 6.57
C2 O82 D . -17.21 20.63 8.15
N2 O82 D . -20.70 17.56 11.59
C3 O82 D . -17.73 19.41 8.69
C4 O82 D . -17.65 18.45 7.68
C5 O82 D . -16.29 21.37 6.01
C6 O82 D . -16.13 22.64 6.57
C7 O82 D . -16.52 22.90 7.88
C8 O82 D . -17.05 21.91 8.69
C9 O82 D . -18.08 17.13 7.89
C10 O82 D . -18.58 16.81 9.14
C11 O82 D . -18.67 17.76 10.16
C12 O82 D . -18.24 19.07 9.94
C13 O82 D . -16.86 18.40 5.30
C14 O82 D . -15.49 17.76 5.25
C15 O82 D . -19.22 17.41 11.51
C16 O82 D . -21.18 17.28 12.97
ZN ZN E . 10.98 -12.98 -8.49
C1 GOL F . 24.05 -1.80 -7.59
O1 GOL F . 24.51 -1.18 -6.41
C2 GOL F . 22.81 -2.62 -7.25
O2 GOL F . 23.17 -3.81 -6.58
C3 GOL F . 22.06 -2.92 -8.55
O3 GOL F . 20.80 -3.53 -8.28
C1 EDO G . 5.69 -20.53 -3.42
O1 EDO G . 5.33 -21.70 -2.67
C2 EDO G . 6.18 -20.93 -4.81
O2 EDO G . 5.62 -20.03 -5.78
C1 O82 H . 10.68 4.29 19.99
F1 O82 H . 11.95 0.53 19.27
N1 O82 H . 10.38 2.97 19.76
C2 O82 H . 10.33 4.55 21.31
N2 O82 H . 6.91 1.56 24.89
C3 O82 H . 9.82 3.34 21.87
C4 O82 H . 9.86 2.36 20.87
C5 O82 H . 11.22 5.26 19.15
C6 O82 H . 11.40 6.54 19.68
C7 O82 H . 11.05 6.82 20.99
C8 O82 H . 10.53 5.84 21.83
C9 O82 H . 9.43 1.04 21.08
C10 O82 H . 8.95 0.72 22.35
C11 O82 H . 8.89 1.67 23.36
C12 O82 H . 9.32 2.98 23.14
C13 O82 H . 10.60 2.30 18.49
C14 O82 H . 11.94 1.61 18.46
C15 O82 H . 8.37 1.29 24.70
C16 O82 H . 6.49 1.11 26.24
#